data_4RML
#
_entry.id   4RML
#
_cell.length_a   78.806
_cell.length_b   96.819
_cell.length_c   79.203
_cell.angle_alpha   90.00
_cell.angle_beta   90.00
_cell.angle_gamma   90.00
#
_symmetry.space_group_name_H-M   'C 2 2 21'
#
loop_
_entity.id
_entity.type
_entity.pdbx_description
1 polymer Latrophilin-3
2 non-polymer 'MAGNESIUM ION'
3 non-polymer 2-AMINO-2-HYDROXYMETHYL-PROPANE-1,3-DIOL
4 water water
#
_entity_poly.entity_id   1
_entity_poly.type   'polypeptide(L)'
_entity_poly.pdbx_seq_one_letter_code
;APSTDHLDYKDDDDKAAAKVFLCPGLLKGVYQSEHLFESDHQSGAWCKDPLQASDKIYYMPWTPYRTDTLTEYSSKDDFI
AGRPTTTYKLPHRVDGTGFVVYDGALFFNKERTRNIVKFDLRTRIKSGEAIIANANYHDTSPYRWGGKSDIDLAVDENGL
WVIYATEQNNGKIVISQLNPYTLRIEGTWDTAYDKRSASNAFMICGILYVVKSVYEDDDNEATGNKIDYIYNTDQSKDSL
VDVPFPNSYQYIAAVDYNPRDNLLYVWNNYHVVKYSLDFGPLDSRSGPVHHGQVSYISPPIHLDSELERPPVRGILEVLF
Q
;
_entity_poly.pdbx_strand_id   A
#
# COMPACT_ATOMS: atom_id res chain seq x y z
N VAL A 20 -13.23 -14.35 2.45
CA VAL A 20 -13.35 -14.98 3.76
C VAL A 20 -13.40 -13.91 4.85
N PHE A 21 -12.89 -12.72 4.55
CA PHE A 21 -12.95 -11.61 5.50
C PHE A 21 -14.30 -10.89 5.40
N LEU A 22 -14.91 -10.62 6.55
CA LEU A 22 -16.16 -9.87 6.56
C LEU A 22 -15.88 -8.38 6.62
N CYS A 23 -16.61 -7.60 5.83
CA CYS A 23 -16.39 -6.16 5.79
CA CYS A 23 -16.35 -6.16 5.79
C CYS A 23 -16.66 -5.52 7.15
N PRO A 24 -15.69 -4.76 7.68
CA PRO A 24 -15.90 -4.11 8.97
C PRO A 24 -16.85 -2.92 8.94
N GLY A 25 -17.16 -2.41 7.76
CA GLY A 25 -18.07 -1.27 7.64
C GLY A 25 -17.41 -0.11 6.93
N LEU A 26 -17.94 1.09 7.17
CA LEU A 26 -17.41 2.33 6.61
C LEU A 26 -16.48 2.98 7.62
N LEU A 27 -15.27 3.33 7.19
CA LEU A 27 -14.30 3.94 8.09
C LEU A 27 -14.77 5.31 8.61
N LYS A 28 -14.69 5.49 9.93
CA LYS A 28 -15.13 6.75 10.52
C LYS A 28 -14.11 7.42 11.44
N GLY A 29 -13.11 6.64 11.89
CA GLY A 29 -12.06 7.19 12.74
C GLY A 29 -10.75 6.42 12.66
N VAL A 30 -9.64 7.14 12.88
CA VAL A 30 -8.28 6.61 12.77
C VAL A 30 -7.44 7.19 13.91
N TYR A 31 -6.71 6.34 14.62
CA TYR A 31 -5.84 6.81 15.72
C TYR A 31 -4.66 5.87 15.86
N GLN A 32 -3.52 6.38 16.31
CA GLN A 32 -2.35 5.50 16.48
C GLN A 32 -2.58 4.57 17.67
N SER A 33 -2.29 3.28 17.51
CA SER A 33 -2.51 2.37 18.63
C SER A 33 -1.27 1.61 19.09
N GLU A 34 -0.21 1.63 18.29
CA GLU A 34 1.06 1.05 18.74
CA GLU A 34 1.06 0.97 18.65
C GLU A 34 2.26 1.70 18.09
N HIS A 35 3.24 2.02 18.92
CA HIS A 35 4.53 2.47 18.43
C HIS A 35 5.50 1.28 18.55
N LEU A 36 6.03 0.79 17.42
CA LEU A 36 6.87 -0.42 17.48
C LEU A 36 8.34 -0.06 17.70
N PHE A 37 8.88 0.78 16.83
CA PHE A 37 10.23 1.29 17.00
C PHE A 37 10.49 2.45 16.06
N GLU A 38 11.57 3.17 16.34
CA GLU A 38 12.08 4.19 15.45
C GLU A 38 13.16 3.57 14.55
N SER A 39 12.90 3.58 13.24
CA SER A 39 13.82 3.03 12.25
C SER A 39 14.99 3.97 12.02
N ASP A 40 16.02 3.49 11.31
CA ASP A 40 17.12 4.37 10.93
C ASP A 40 16.90 4.97 9.54
N HIS A 41 15.75 4.67 8.93
CA HIS A 41 15.39 5.23 7.63
C HIS A 41 14.12 6.05 7.76
N GLN A 42 14.12 7.25 7.18
CA GLN A 42 12.98 8.16 7.32
C GLN A 42 11.73 7.54 6.75
N SER A 43 11.88 6.86 5.61
CA SER A 43 10.73 6.34 4.90
C SER A 43 10.92 4.88 4.56
N GLY A 44 9.82 4.20 4.28
CA GLY A 44 9.85 2.78 3.97
C GLY A 44 8.42 2.27 4.01
N ALA A 45 8.26 0.95 3.91
CA ALA A 45 6.96 0.31 4.08
C ALA A 45 7.14 -0.98 4.84
N TRP A 46 6.09 -1.39 5.55
CA TRP A 46 6.12 -2.71 6.18
C TRP A 46 4.71 -3.28 6.23
N CYS A 47 4.62 -4.61 6.28
CA CYS A 47 3.30 -5.24 6.28
C CYS A 47 3.40 -6.70 6.65
N LYS A 48 2.25 -7.32 6.85
CA LYS A 48 2.15 -8.77 6.96
C LYS A 48 1.42 -9.31 5.74
N ASP A 49 1.37 -10.62 5.61
CA ASP A 49 0.61 -11.29 4.56
C ASP A 49 -0.76 -11.67 5.15
N PRO A 50 -1.82 -10.94 4.77
CA PRO A 50 -3.11 -11.19 5.45
C PRO A 50 -3.77 -12.49 5.03
N LEU A 51 -3.29 -13.17 3.99
CA LEU A 51 -3.89 -14.41 3.54
CA LEU A 51 -3.90 -14.42 3.56
C LEU A 51 -3.29 -15.61 4.23
N GLN A 52 -2.32 -15.38 5.11
CA GLN A 52 -1.73 -16.47 5.88
C GLN A 52 -1.89 -16.22 7.37
N ALA A 53 -2.23 -17.25 8.11
CA ALA A 53 -2.20 -17.19 9.57
C ALA A 53 -0.74 -17.28 9.98
N SER A 54 -0.10 -16.12 10.11
CA SER A 54 1.33 -16.08 10.34
C SER A 54 1.73 -14.84 11.11
N ASP A 55 2.79 -14.97 11.89
CA ASP A 55 3.30 -13.81 12.60
C ASP A 55 4.34 -13.08 11.75
N LYS A 56 4.65 -13.60 10.56
CA LYS A 56 5.72 -13.02 9.74
C LYS A 56 5.48 -11.55 9.38
N ILE A 57 6.57 -10.78 9.41
CA ILE A 57 6.53 -9.35 9.10
C ILE A 57 7.56 -9.04 8.02
N TYR A 58 7.14 -8.25 7.03
CA TYR A 58 7.98 -7.86 5.90
C TYR A 58 8.30 -6.37 5.96
N TYR A 59 9.57 -6.04 5.70
CA TYR A 59 10.12 -4.73 6.02
C TYR A 59 11.02 -4.24 4.90
N MET A 60 10.75 -3.04 4.38
CA MET A 60 11.50 -2.52 3.26
CA MET A 60 11.56 -2.52 3.28
C MET A 60 11.78 -1.03 3.43
N PRO A 61 12.94 -0.67 4.02
CA PRO A 61 13.34 0.74 4.11
C PRO A 61 13.51 1.34 2.73
N TRP A 62 13.20 2.62 2.59
CA TRP A 62 13.33 3.29 1.31
CA TRP A 62 13.34 3.29 1.30
C TRP A 62 14.70 3.96 1.18
N THR A 63 15.50 3.51 0.20
CA THR A 63 16.67 4.27 -0.19
CA THR A 63 16.69 4.23 -0.21
C THR A 63 16.48 4.72 -1.65
N PRO A 64 16.41 6.03 -1.86
CA PRO A 64 16.05 6.58 -3.18
C PRO A 64 16.83 5.98 -4.35
N TYR A 65 16.07 5.45 -5.32
CA TYR A 65 16.65 4.84 -6.52
C TYR A 65 17.64 3.71 -6.22
N ARG A 66 17.54 3.10 -5.03
CA ARG A 66 18.47 2.03 -4.67
C ARG A 66 17.78 0.89 -3.91
N THR A 67 16.44 0.84 -3.95
CA THR A 67 15.73 -0.12 -3.13
C THR A 67 15.51 -1.44 -3.85
N ASP A 68 16.11 -2.51 -3.34
CA ASP A 68 15.97 -3.81 -3.98
C ASP A 68 16.05 -4.98 -3.03
N THR A 69 15.82 -4.74 -1.74
CA THR A 69 15.84 -5.84 -0.77
C THR A 69 14.66 -5.78 0.19
N LEU A 70 14.16 -6.96 0.54
CA LEU A 70 13.06 -7.11 1.49
C LEU A 70 13.56 -7.91 2.70
N THR A 71 13.33 -7.41 3.91
CA THR A 71 13.71 -8.18 5.09
C THR A 71 12.48 -8.84 5.73
N GLU A 72 12.66 -10.08 6.19
CA GLU A 72 11.58 -10.83 6.81
C GLU A 72 11.88 -11.14 8.29
N TYR A 73 10.89 -10.89 9.14
CA TYR A 73 10.97 -11.19 10.56
C TYR A 73 9.93 -12.23 10.93
N SER A 74 10.23 -13.11 11.89
CA SER A 74 9.31 -14.22 12.17
C SER A 74 8.17 -13.84 13.11
N SER A 75 8.35 -12.75 13.85
CA SER A 75 7.36 -12.33 14.84
C SER A 75 7.51 -10.84 15.14
N LYS A 76 6.50 -10.27 15.78
CA LYS A 76 6.59 -8.87 16.20
C LYS A 76 7.74 -8.66 17.18
N ASP A 77 7.94 -9.61 18.09
CA ASP A 77 9.07 -9.54 19.02
C ASP A 77 10.41 -9.47 18.28
N ASP A 78 10.60 -10.36 17.31
CA ASP A 78 11.83 -10.34 16.51
C ASP A 78 11.97 -9.02 15.74
N PHE A 79 10.85 -8.50 15.24
CA PHE A 79 10.83 -7.27 14.46
C PHE A 79 11.31 -6.08 15.33
N ILE A 80 10.71 -5.92 16.49
CA ILE A 80 11.05 -4.83 17.38
C ILE A 80 12.50 -4.95 17.85
N ALA A 81 12.93 -6.18 18.13
CA ALA A 81 14.30 -6.42 18.59
C ALA A 81 15.37 -6.36 17.50
N GLY A 82 14.97 -6.35 16.23
CA GLY A 82 15.93 -6.33 15.14
C GLY A 82 16.64 -7.66 14.95
N ARG A 83 15.86 -8.73 14.98
CA ARG A 83 16.36 -10.08 14.72
C ARG A 83 15.68 -10.65 13.48
N PRO A 84 16.24 -10.34 12.29
CA PRO A 84 15.65 -10.84 11.05
C PRO A 84 15.87 -12.33 10.84
N THR A 85 14.96 -12.94 10.10
CA THR A 85 15.07 -14.34 9.70
C THR A 85 15.85 -14.45 8.39
N THR A 86 15.52 -13.58 7.44
CA THR A 86 16.14 -13.66 6.12
C THR A 86 15.93 -12.36 5.36
N THR A 87 16.66 -12.21 4.25
CA THR A 87 16.50 -11.07 3.38
CA THR A 87 16.49 -11.07 3.37
C THR A 87 16.30 -11.59 1.96
N TYR A 88 15.49 -10.89 1.18
CA TYR A 88 15.28 -11.26 -0.21
C TYR A 88 15.90 -10.21 -1.11
N LYS A 89 16.70 -10.68 -2.07
CA LYS A 89 17.27 -9.80 -3.08
C LYS A 89 16.32 -9.79 -4.27
N LEU A 90 15.69 -8.65 -4.52
CA LEU A 90 14.69 -8.55 -5.58
C LEU A 90 15.35 -8.44 -6.95
N PRO A 91 14.65 -8.93 -7.99
CA PRO A 91 15.24 -8.97 -9.34
C PRO A 91 15.25 -7.61 -10.04
N HIS A 92 14.52 -6.66 -9.49
CA HIS A 92 14.48 -5.30 -10.03
C HIS A 92 14.44 -4.34 -8.86
N ARG A 93 14.73 -3.08 -9.12
CA ARG A 93 14.54 -2.09 -8.06
C ARG A 93 13.06 -1.69 -7.98
N VAL A 94 12.69 -1.23 -6.79
CA VAL A 94 11.31 -0.87 -6.46
C VAL A 94 11.05 0.61 -6.67
N ASP A 95 9.90 0.96 -7.24
CA ASP A 95 9.53 2.37 -7.34
C ASP A 95 8.96 2.83 -6.01
N GLY A 96 9.57 3.84 -5.41
CA GLY A 96 9.03 4.40 -4.18
C GLY A 96 8.89 3.39 -3.05
N THR A 97 8.00 3.68 -2.11
CA THR A 97 7.95 2.87 -0.89
C THR A 97 7.10 1.59 -1.00
N GLY A 98 6.20 1.55 -1.97
CA GLY A 98 5.20 0.49 -2.03
C GLY A 98 5.62 -0.96 -2.26
N PHE A 99 4.92 -1.87 -1.56
CA PHE A 99 4.91 -3.31 -1.88
C PHE A 99 3.81 -3.95 -1.05
N VAL A 100 3.32 -5.10 -1.49
CA VAL A 100 2.45 -5.92 -0.63
C VAL A 100 2.89 -7.36 -0.74
N VAL A 101 2.53 -8.14 0.27
CA VAL A 101 2.68 -9.58 0.19
C VAL A 101 1.29 -10.18 0.28
N TYR A 102 0.99 -11.08 -0.66
CA TYR A 102 -0.34 -11.65 -0.80
C TYR A 102 -0.21 -13.14 -1.07
N ASP A 103 -0.59 -13.95 -0.09
CA ASP A 103 -0.54 -15.40 -0.21
C ASP A 103 0.83 -15.91 -0.66
N GLY A 104 1.87 -15.41 -0.01
CA GLY A 104 3.22 -15.89 -0.23
C GLY A 104 3.95 -15.25 -1.41
N ALA A 105 3.27 -14.37 -2.14
CA ALA A 105 3.87 -13.66 -3.26
C ALA A 105 4.08 -12.17 -2.95
N LEU A 106 5.26 -11.66 -3.26
CA LEU A 106 5.55 -10.24 -3.15
C LEU A 106 5.18 -9.51 -4.43
N PHE A 107 4.43 -8.42 -4.32
CA PHE A 107 4.11 -7.58 -5.46
C PHE A 107 4.72 -6.20 -5.25
N PHE A 108 5.33 -5.64 -6.30
CA PHE A 108 5.86 -4.29 -6.25
C PHE A 108 5.85 -3.63 -7.65
N ASN A 109 5.90 -2.31 -7.67
CA ASN A 109 6.00 -1.53 -8.90
C ASN A 109 7.46 -1.45 -9.30
N LYS A 110 7.81 -2.02 -10.45
CA LYS A 110 9.19 -1.94 -10.94
C LYS A 110 9.59 -0.47 -11.15
N GLU A 111 10.77 -0.11 -10.67
CA GLU A 111 11.24 1.29 -10.68
C GLU A 111 11.10 1.99 -12.05
N ARG A 112 10.43 3.15 -12.04
CA ARG A 112 10.23 3.98 -13.23
C ARG A 112 9.60 3.22 -14.41
N THR A 113 8.57 2.43 -14.10
CA THR A 113 7.79 1.70 -15.11
C THR A 113 6.32 1.70 -14.71
N ARG A 114 5.46 1.28 -15.63
CA ARG A 114 4.06 1.04 -15.31
C ARG A 114 3.83 -0.46 -15.11
N ASN A 115 4.85 -1.15 -14.61
CA ASN A 115 4.79 -2.60 -14.42
C ASN A 115 4.72 -3.05 -12.97
N ILE A 116 3.88 -4.05 -12.72
CA ILE A 116 3.86 -4.74 -11.43
C ILE A 116 4.61 -6.07 -11.55
N VAL A 117 5.54 -6.31 -10.63
CA VAL A 117 6.29 -7.56 -10.58
C VAL A 117 5.75 -8.48 -9.49
N LYS A 118 5.58 -9.77 -9.81
CA LYS A 118 5.19 -10.77 -8.82
C LYS A 118 6.40 -11.67 -8.53
N PHE A 119 6.75 -11.80 -7.25
CA PHE A 119 7.97 -12.52 -6.84
C PHE A 119 7.62 -13.56 -5.80
N ASP A 120 7.90 -14.82 -6.08
CA ASP A 120 7.52 -15.89 -5.15
C ASP A 120 8.55 -15.98 -4.04
N LEU A 121 8.13 -15.74 -2.79
CA LEU A 121 9.08 -15.73 -1.69
C LEU A 121 9.64 -17.11 -1.35
N ARG A 122 8.83 -18.14 -1.45
CA ARG A 122 9.27 -19.49 -1.09
C ARG A 122 10.44 -19.95 -1.96
N THR A 123 10.36 -19.69 -3.26
CA THR A 123 11.39 -20.15 -4.18
C THR A 123 12.33 -19.04 -4.64
N ARG A 124 12.04 -17.81 -4.24
CA ARG A 124 12.86 -16.65 -4.55
C ARG A 124 13.09 -16.45 -6.03
N ILE A 125 12.02 -16.53 -6.81
CA ILE A 125 12.15 -16.18 -8.21
C ILE A 125 10.92 -15.42 -8.69
N LYS A 126 11.15 -14.61 -9.71
CA LYS A 126 10.08 -13.83 -10.32
C LYS A 126 9.13 -14.76 -11.07
N SER A 127 7.84 -14.65 -10.78
CA SER A 127 6.89 -15.54 -11.43
C SER A 127 6.00 -14.80 -12.41
N GLY A 128 5.98 -13.48 -12.31
CA GLY A 128 5.19 -12.73 -13.26
C GLY A 128 5.42 -11.24 -13.28
N GLU A 129 4.89 -10.65 -14.34
CA GLU A 129 4.87 -9.20 -14.52
CA GLU A 129 4.87 -9.20 -14.52
C GLU A 129 3.57 -8.81 -15.22
N ALA A 130 3.04 -7.65 -14.87
CA ALA A 130 1.88 -7.14 -15.60
C ALA A 130 2.08 -5.66 -15.86
N ILE A 131 1.91 -5.25 -17.11
CA ILE A 131 1.83 -3.85 -17.48
C ILE A 131 0.45 -3.32 -17.16
N ILE A 132 0.36 -2.30 -16.31
CA ILE A 132 -0.93 -1.69 -16.04
C ILE A 132 -1.22 -0.68 -17.13
N ALA A 133 -2.19 -1.00 -17.99
CA ALA A 133 -2.43 -0.22 -19.20
C ALA A 133 -2.67 1.25 -18.88
N ASN A 134 -1.93 2.10 -19.60
CA ASN A 134 -2.06 3.57 -19.55
C ASN A 134 -1.66 4.24 -18.24
N ALA A 135 -1.15 3.47 -17.27
CA ALA A 135 -0.78 4.09 -16.01
C ALA A 135 0.38 5.08 -16.20
N ASN A 136 0.24 6.26 -15.59
CA ASN A 136 1.32 7.23 -15.62
C ASN A 136 2.52 6.74 -14.84
N TYR A 137 3.72 7.06 -15.30
CA TYR A 137 4.91 6.74 -14.53
C TYR A 137 6.05 7.70 -14.82
N HIS A 138 6.98 7.79 -13.88
CA HIS A 138 8.17 8.64 -14.01
C HIS A 138 7.80 10.05 -14.49
N ASP A 139 6.80 10.65 -13.85
CA ASP A 139 6.23 11.91 -14.32
C ASP A 139 6.04 12.92 -13.18
N THR A 140 6.66 12.64 -12.04
CA THR A 140 6.61 13.53 -10.89
C THR A 140 7.37 14.83 -11.15
N SER A 141 6.76 15.96 -10.78
CA SER A 141 7.44 17.25 -10.82
C SER A 141 8.76 17.17 -10.04
N PRO A 142 9.80 17.83 -10.56
CA PRO A 142 11.13 17.91 -9.94
C PRO A 142 11.08 18.23 -8.45
N TYR A 143 10.10 19.03 -8.06
CA TYR A 143 10.09 19.67 -6.75
C TYR A 143 9.61 18.74 -5.63
N ARG A 144 8.84 17.72 -6.00
CA ARG A 144 8.18 16.90 -5.00
C ARG A 144 9.04 15.73 -4.52
N TRP A 145 8.88 15.40 -3.24
CA TRP A 145 9.42 14.19 -2.63
C TRP A 145 9.17 12.93 -3.48
N GLY A 146 10.24 12.21 -3.79
CA GLY A 146 10.15 11.09 -4.70
C GLY A 146 9.82 9.72 -4.12
N GLY A 147 9.33 9.68 -2.89
CA GLY A 147 9.05 8.41 -2.24
C GLY A 147 7.73 7.74 -2.56
N LYS A 148 6.85 8.43 -3.30
CA LYS A 148 5.57 7.84 -3.69
C LYS A 148 5.75 6.96 -4.93
N SER A 149 5.10 5.80 -4.93
CA SER A 149 5.18 4.88 -6.07
C SER A 149 4.25 5.35 -7.18
N ASP A 150 4.64 5.14 -8.43
CA ASP A 150 3.75 5.50 -9.54
C ASP A 150 2.48 4.67 -9.50
N ILE A 151 2.63 3.38 -9.19
CA ILE A 151 1.50 2.50 -9.04
C ILE A 151 1.53 1.89 -7.65
N ASP A 152 0.51 2.21 -6.87
CA ASP A 152 0.43 1.68 -5.52
CA ASP A 152 0.35 1.72 -5.50
C ASP A 152 -0.37 0.38 -5.48
N LEU A 153 0.02 -0.48 -4.55
CA LEU A 153 -0.65 -1.77 -4.36
C LEU A 153 -1.38 -1.77 -3.03
N ALA A 154 -2.50 -2.48 -2.98
CA ALA A 154 -3.29 -2.55 -1.76
C ALA A 154 -4.01 -3.88 -1.71
N VAL A 155 -4.08 -4.45 -0.49
CA VAL A 155 -4.82 -5.68 -0.23
C VAL A 155 -6.01 -5.39 0.68
N ASP A 156 -7.17 -5.98 0.39
CA ASP A 156 -8.29 -5.84 1.30
C ASP A 156 -9.18 -7.07 1.25
N GLU A 157 -10.38 -6.93 1.82
CA GLU A 157 -11.33 -8.04 1.94
C GLU A 157 -11.70 -8.61 0.58
N ASN A 158 -11.54 -7.80 -0.46
CA ASN A 158 -12.02 -8.15 -1.79
C ASN A 158 -10.93 -8.71 -2.68
N GLY A 159 -9.67 -8.46 -2.31
CA GLY A 159 -8.55 -8.99 -3.08
C GLY A 159 -7.39 -8.03 -3.19
N LEU A 160 -6.74 -8.04 -4.35
CA LEU A 160 -5.54 -7.24 -4.63
C LEU A 160 -5.88 -6.11 -5.60
N TRP A 161 -5.31 -4.93 -5.34
CA TRP A 161 -5.67 -3.71 -6.06
C TRP A 161 -4.44 -2.95 -6.52
N VAL A 162 -4.54 -2.30 -7.67
CA VAL A 162 -3.54 -1.30 -8.06
C VAL A 162 -4.22 0.07 -8.14
N ILE A 163 -3.50 1.07 -7.65
CA ILE A 163 -4.02 2.43 -7.54
C ILE A 163 -3.06 3.34 -8.29
N TYR A 164 -3.55 4.00 -9.33
CA TYR A 164 -2.67 4.73 -10.23
C TYR A 164 -3.39 5.93 -10.82
N ALA A 165 -2.80 6.54 -11.84
CA ALA A 165 -3.44 7.64 -12.56
C ALA A 165 -3.21 7.45 -14.05
N THR A 166 -4.08 8.02 -14.87
CA THR A 166 -3.90 7.95 -16.32
C THR A 166 -4.11 9.34 -16.93
N GLU A 167 -3.54 9.55 -18.12
CA GLU A 167 -3.78 10.81 -18.83
C GLU A 167 -5.23 10.86 -19.29
N GLN A 168 -5.76 9.71 -19.66
CA GLN A 168 -7.15 9.61 -20.09
C GLN A 168 -8.12 10.08 -18.99
N ASN A 169 -7.73 9.91 -17.72
CA ASN A 169 -8.55 10.37 -16.60
C ASN A 169 -8.00 11.68 -16.01
N ASN A 170 -7.22 12.41 -16.82
CA ASN A 170 -6.71 13.73 -16.45
C ASN A 170 -5.92 13.74 -15.15
N GLY A 171 -5.08 12.72 -14.98
CA GLY A 171 -4.22 12.64 -13.81
C GLY A 171 -4.97 12.29 -12.54
N LYS A 172 -6.27 11.99 -12.67
CA LYS A 172 -7.02 11.57 -11.50
C LYS A 172 -6.84 10.07 -11.23
N ILE A 173 -7.04 9.67 -9.99
CA ILE A 173 -6.82 8.29 -9.58
C ILE A 173 -7.72 7.30 -10.32
N VAL A 174 -7.08 6.21 -10.76
CA VAL A 174 -7.76 5.08 -11.34
C VAL A 174 -7.47 3.86 -10.47
N ILE A 175 -8.50 3.05 -10.29
CA ILE A 175 -8.43 1.84 -9.49
CA ILE A 175 -8.46 1.83 -9.49
C ILE A 175 -8.64 0.60 -10.37
N SER A 176 -7.76 -0.39 -10.24
CA SER A 176 -8.04 -1.67 -10.89
C SER A 176 -7.89 -2.82 -9.91
N GLN A 177 -8.76 -3.82 -10.02
CA GLN A 177 -8.61 -5.05 -9.28
C GLN A 177 -7.74 -5.99 -10.10
N LEU A 178 -6.71 -6.54 -9.47
CA LEU A 178 -5.76 -7.43 -10.13
C LEU A 178 -5.85 -8.82 -9.53
N ASN A 179 -6.07 -9.84 -10.35
CA ASN A 179 -6.05 -11.18 -9.82
C ASN A 179 -4.63 -11.59 -9.48
N PRO A 180 -4.36 -11.94 -8.22
CA PRO A 180 -2.96 -12.18 -7.83
C PRO A 180 -2.38 -13.47 -8.41
N TYR A 181 -3.24 -14.36 -8.90
CA TYR A 181 -2.79 -15.66 -9.37
C TYR A 181 -2.61 -15.67 -10.88
N THR A 182 -3.57 -15.10 -11.59
CA THR A 182 -3.55 -15.07 -13.05
C THR A 182 -3.02 -13.75 -13.63
N LEU A 183 -2.97 -12.71 -12.78
CA LEU A 183 -2.63 -11.34 -13.19
C LEU A 183 -3.63 -10.73 -14.18
N ARG A 184 -4.83 -11.32 -14.28
CA ARG A 184 -5.90 -10.71 -15.07
CA ARG A 184 -5.91 -10.71 -15.07
C ARG A 184 -6.44 -9.48 -14.36
N ILE A 185 -6.71 -8.41 -15.11
CA ILE A 185 -7.41 -7.25 -14.54
C ILE A 185 -8.89 -7.60 -14.48
N GLU A 186 -9.47 -7.52 -13.29
CA GLU A 186 -10.86 -7.96 -13.10
C GLU A 186 -11.87 -6.81 -13.14
N GLY A 187 -11.38 -5.59 -12.99
CA GLY A 187 -12.25 -4.42 -13.06
C GLY A 187 -11.42 -3.15 -12.97
N THR A 188 -11.94 -2.06 -13.54
CA THR A 188 -11.26 -0.78 -13.55
C THR A 188 -12.28 0.34 -13.32
N TRP A 189 -11.94 1.29 -12.44
CA TRP A 189 -12.81 2.41 -12.10
C TRP A 189 -12.04 3.73 -12.16
N ASP A 190 -12.61 4.72 -12.85
CA ASP A 190 -12.02 6.06 -12.87
C ASP A 190 -12.59 6.90 -11.73
N THR A 191 -11.73 7.40 -10.85
CA THR A 191 -12.21 8.27 -9.78
C THR A 191 -12.16 9.74 -10.21
N ALA A 192 -12.62 10.62 -9.33
CA ALA A 192 -12.64 12.05 -9.58
C ALA A 192 -11.51 12.79 -8.87
N TYR A 193 -10.61 12.03 -8.24
CA TYR A 193 -9.65 12.64 -7.32
C TYR A 193 -8.25 12.77 -7.92
N ASP A 194 -7.70 13.99 -7.93
CA ASP A 194 -6.36 14.20 -8.45
C ASP A 194 -5.30 13.45 -7.64
N LYS A 195 -4.50 12.61 -8.30
CA LYS A 195 -3.58 11.73 -7.57
C LYS A 195 -2.50 12.52 -6.84
N ARG A 196 -2.11 13.66 -7.41
CA ARG A 196 -1.12 14.56 -6.84
C ARG A 196 -1.51 15.05 -5.43
N SER A 197 -2.81 15.19 -5.21
CA SER A 197 -3.32 15.71 -3.95
C SER A 197 -3.32 14.68 -2.83
N ALA A 198 -3.03 13.42 -3.15
CA ALA A 198 -3.11 12.35 -2.16
C ALA A 198 -1.74 12.03 -1.53
N SER A 199 -1.72 11.86 -0.21
CA SER A 199 -0.53 11.37 0.46
C SER A 199 -0.52 9.84 0.50
N ASN A 200 -1.70 9.27 0.73
CA ASN A 200 -1.88 7.81 0.69
C ASN A 200 -3.28 7.48 0.21
N ALA A 201 -3.42 6.28 -0.32
CA ALA A 201 -4.73 5.74 -0.66
C ALA A 201 -4.74 4.28 -0.25
N PHE A 202 -5.86 3.80 0.25
CA PHE A 202 -5.97 2.39 0.58
C PHE A 202 -7.41 1.93 0.40
N MET A 203 -7.56 0.61 0.26
CA MET A 203 -8.86 -0.02 0.04
C MET A 203 -9.37 -0.70 1.30
N ILE A 204 -10.67 -0.59 1.57
CA ILE A 204 -11.31 -1.44 2.59
C ILE A 204 -12.66 -1.88 2.00
N CYS A 205 -12.90 -3.19 1.95
CA CYS A 205 -14.14 -3.72 1.35
CA CYS A 205 -14.08 -3.79 1.32
C CYS A 205 -14.41 -3.17 -0.05
N GLY A 206 -13.38 -2.99 -0.85
CA GLY A 206 -13.58 -2.46 -2.20
C GLY A 206 -13.87 -0.96 -2.25
N ILE A 207 -13.74 -0.29 -1.11
CA ILE A 207 -13.87 1.16 -1.08
C ILE A 207 -12.50 1.84 -0.97
N LEU A 208 -12.23 2.77 -1.88
CA LEU A 208 -10.99 3.55 -1.88
C LEU A 208 -11.11 4.72 -0.93
N TYR A 209 -10.16 4.83 -0.01
CA TYR A 209 -10.06 5.97 0.89
C TYR A 209 -8.82 6.77 0.52
N VAL A 210 -8.98 8.08 0.34
CA VAL A 210 -7.84 8.91 -0.06
C VAL A 210 -7.52 9.92 1.05
N VAL A 211 -6.27 9.96 1.48
CA VAL A 211 -5.82 10.89 2.52
C VAL A 211 -5.23 12.15 1.90
N LYS A 212 -5.69 13.32 2.34
CA LYS A 212 -5.20 14.61 1.82
C LYS A 212 -4.59 15.50 2.93
N SER A 213 -3.83 16.52 2.53
CA SER A 213 -3.36 17.55 3.46
C SER A 213 -4.37 18.70 3.58
N VAL A 214 -4.52 19.24 4.78
CA VAL A 214 -5.46 20.35 5.00
C VAL A 214 -4.78 21.54 5.67
N GLY A 224 -3.07 19.86 8.91
CA GLY A 224 -3.47 18.53 9.31
C GLY A 224 -3.68 17.60 8.14
N ASN A 225 -4.18 16.41 8.41
CA ASN A 225 -4.49 15.46 7.35
C ASN A 225 -5.79 14.73 7.63
N LYS A 226 -6.49 14.38 6.56
CA LYS A 226 -7.77 13.70 6.69
C LYS A 226 -8.11 12.94 5.42
N ILE A 227 -8.99 11.95 5.56
CA ILE A 227 -9.63 11.36 4.40
C ILE A 227 -10.77 12.29 4.01
N ASP A 228 -10.76 12.78 2.77
CA ASP A 228 -11.83 13.68 2.33
C ASP A 228 -12.65 13.14 1.17
N TYR A 229 -12.32 11.94 0.71
CA TYR A 229 -12.97 11.38 -0.49
C TYR A 229 -12.93 9.86 -0.46
N ILE A 230 -14.03 9.22 -0.86
CA ILE A 230 -14.07 7.77 -0.99
C ILE A 230 -14.67 7.38 -2.33
N TYR A 231 -14.27 6.23 -2.84
CA TYR A 231 -14.85 5.69 -4.07
C TYR A 231 -15.22 4.24 -3.81
N ASN A 232 -16.52 3.97 -3.89
CA ASN A 232 -17.05 2.64 -3.65
C ASN A 232 -17.13 1.87 -4.97
N THR A 233 -16.27 0.87 -5.15
CA THR A 233 -16.21 0.18 -6.45
C THR A 233 -17.40 -0.75 -6.66
N ASP A 234 -17.96 -1.29 -5.59
CA ASP A 234 -19.16 -2.12 -5.74
C ASP A 234 -20.28 -1.32 -6.38
N GLN A 235 -20.40 -0.06 -5.97
CA GLN A 235 -21.48 0.82 -6.42
C GLN A 235 -21.09 1.72 -7.60
N SER A 236 -19.78 1.85 -7.85
CA SER A 236 -19.25 2.83 -8.79
C SER A 236 -19.70 4.24 -8.43
N LYS A 237 -19.72 4.52 -7.12
CA LYS A 237 -20.22 5.77 -6.56
C LYS A 237 -19.19 6.37 -5.61
N ASP A 238 -18.91 7.66 -5.76
CA ASP A 238 -18.02 8.32 -4.81
C ASP A 238 -18.74 9.36 -3.95
N SER A 239 -18.08 9.76 -2.87
CA SER A 239 -18.62 10.73 -1.90
C SER A 239 -17.50 11.54 -1.26
N LEU A 240 -17.83 12.72 -0.77
CA LEU A 240 -16.91 13.46 0.07
C LEU A 240 -17.13 13.05 1.52
N VAL A 241 -16.05 12.91 2.28
CA VAL A 241 -16.14 12.56 3.69
C VAL A 241 -15.17 13.41 4.48
N ASP A 242 -15.12 13.18 5.78
CA ASP A 242 -14.20 13.90 6.64
C ASP A 242 -13.75 13.01 7.79
N VAL A 243 -12.64 12.31 7.59
CA VAL A 243 -12.07 11.46 8.63
C VAL A 243 -10.66 11.94 8.97
N PRO A 244 -10.51 12.62 10.11
CA PRO A 244 -9.21 13.15 10.51
C PRO A 244 -8.17 12.06 10.78
N PHE A 245 -6.94 12.30 10.33
CA PHE A 245 -5.81 11.47 10.72
C PHE A 245 -5.12 12.11 11.92
N PRO A 246 -4.31 11.34 12.67
CA PRO A 246 -3.59 11.96 13.79
C PRO A 246 -2.68 13.10 13.35
N ASN A 247 -2.54 14.12 14.19
CA ASN A 247 -1.64 15.24 13.91
C ASN A 247 -0.22 14.83 13.55
N SER A 248 0.25 13.74 14.15
CA SER A 248 1.63 13.28 13.94
C SER A 248 1.85 12.71 12.54
N TYR A 249 0.78 12.29 11.88
CA TYR A 249 0.87 11.84 10.48
C TYR A 249 1.46 12.92 9.59
N GLN A 250 2.40 12.53 8.73
CA GLN A 250 2.98 13.43 7.75
C GLN A 250 2.72 12.92 6.34
N TYR A 251 2.85 13.82 5.36
CA TYR A 251 2.64 13.49 3.95
C TYR A 251 3.52 12.32 3.49
N ILE A 252 4.76 12.27 3.98
CA ILE A 252 5.71 11.27 3.53
C ILE A 252 5.47 9.88 4.14
N ALA A 253 4.44 9.76 4.97
CA ALA A 253 4.13 8.46 5.55
C ALA A 253 3.69 7.46 4.49
N ALA A 254 3.97 6.18 4.75
CA ALA A 254 3.43 5.08 3.97
C ALA A 254 2.39 4.39 4.83
N VAL A 255 1.25 4.04 4.23
CA VAL A 255 0.15 3.44 4.95
C VAL A 255 -0.38 2.24 4.18
N ASP A 256 -0.51 1.09 4.84
CA ASP A 256 -1.10 -0.10 4.20
C ASP A 256 -2.18 -0.72 5.10
N TYR A 257 -3.34 -1.03 4.55
CA TYR A 257 -4.41 -1.67 5.33
C TYR A 257 -4.25 -3.19 5.36
N ASN A 258 -4.59 -3.79 6.49
CA ASN A 258 -4.57 -5.26 6.62
C ASN A 258 -5.98 -5.77 6.94
N PRO A 259 -6.58 -6.56 6.02
CA PRO A 259 -7.97 -7.01 6.24
C PRO A 259 -8.09 -8.11 7.28
N ARG A 260 -6.99 -8.78 7.62
CA ARG A 260 -7.05 -9.82 8.64
C ARG A 260 -7.19 -9.22 10.03
N ASP A 261 -6.49 -8.13 10.31
CA ASP A 261 -6.62 -7.54 11.65
C ASP A 261 -7.22 -6.13 11.67
N ASN A 262 -7.63 -5.63 10.50
CA ASN A 262 -8.26 -4.30 10.38
C ASN A 262 -7.41 -3.15 10.89
N LEU A 263 -6.09 -3.27 10.78
CA LEU A 263 -5.19 -2.21 11.22
C LEU A 263 -4.50 -1.56 10.03
N LEU A 264 -4.02 -0.33 10.21
CA LEU A 264 -3.13 0.30 9.25
C LEU A 264 -1.69 0.14 9.70
N TYR A 265 -0.85 -0.27 8.75
CA TYR A 265 0.57 -0.50 8.97
C TYR A 265 1.28 0.74 8.41
N VAL A 266 1.88 1.52 9.30
CA VAL A 266 2.33 2.86 8.98
C VAL A 266 3.83 3.06 9.18
N TRP A 267 4.47 3.79 8.27
CA TRP A 267 5.86 4.19 8.42
C TRP A 267 5.87 5.71 8.26
N ASN A 268 6.21 6.42 9.34
CA ASN A 268 5.95 7.85 9.37
C ASN A 268 7.14 8.60 9.94
N ASN A 269 7.97 9.17 9.07
CA ASN A 269 9.11 10.00 9.50
C ASN A 269 9.96 9.27 10.55
N TYR A 270 10.50 8.12 10.12
CA TYR A 270 11.29 7.17 10.93
C TYR A 270 10.46 6.26 11.83
N HIS A 271 9.23 6.62 12.16
CA HIS A 271 8.48 5.83 13.14
C HIS A 271 7.64 4.71 12.52
N VAL A 272 7.85 3.50 13.02
CA VAL A 272 7.17 2.31 12.55
C VAL A 272 6.04 2.04 13.54
N VAL A 273 4.80 2.25 13.10
CA VAL A 273 3.66 2.24 14.02
C VAL A 273 2.44 1.56 13.38
N LYS A 274 1.43 1.28 14.20
CA LYS A 274 0.13 0.83 13.69
C LYS A 274 -0.95 1.81 14.06
N TYR A 275 -1.92 2.00 13.17
CA TYR A 275 -3.13 2.76 13.50
C TYR A 275 -4.30 1.81 13.63
N SER A 276 -5.17 2.07 14.60
CA SER A 276 -6.43 1.34 14.72
C SER A 276 -7.54 2.15 14.07
N LEU A 277 -8.63 1.46 13.73
CA LEU A 277 -9.69 2.02 12.90
C LEU A 277 -11.05 1.83 13.57
N ASP A 278 -11.87 2.86 13.52
CA ASP A 278 -13.24 2.75 14.00
C ASP A 278 -14.17 2.80 12.80
N PHE A 279 -15.23 1.99 12.84
CA PHE A 279 -16.13 1.85 11.71
C PHE A 279 -17.58 2.16 12.07
N GLY A 280 -18.33 2.63 11.08
CA GLY A 280 -19.77 2.76 11.18
C GLY A 280 -20.40 1.91 10.09
N PRO A 281 -21.74 1.84 10.07
CA PRO A 281 -22.46 1.04 9.07
C PRO A 281 -22.29 1.55 7.63
N LEU A 282 -22.22 0.61 6.69
CA LEU A 282 -22.10 0.95 5.27
C LEU A 282 -23.39 1.56 4.70
#